data_6TTT
#
_entry.id   6TTT
#
_cell.length_a   64.050
_cell.length_b   64.050
_cell.length_c   225.670
_cell.angle_alpha   90.000
_cell.angle_beta   90.000
_cell.angle_gamma   120.000
#
_symmetry.space_group_name_H-M   'P 32 2 1'
#
loop_
_entity.id
_entity.type
_entity.pdbx_description
1 polymer 'N6-adenosine-methyltransferase catalytic subunit'
2 polymer 'N6-adenosine-methyltransferase non-catalytic subunit'
3 non-polymer (2~{S},3~{S},4~{R},5~{R})-5-(6-aminopurin-9-yl)-~{N}-methyl-3,4-bis(oxidanyl)oxolane-2-carboxamide
4 non-polymer 'ACETATE ION'
5 water water
#
loop_
_entity_poly.entity_id
_entity_poly.type
_entity_poly.pdbx_seq_one_letter_code
_entity_poly.pdbx_strand_id
1 'polypeptide(L)'
;MSDTWSSIQAHKKQLDSLRERLQRRRKQDSGHLDLRNPEAALSPTFRSDSPVPTAPTSGGPKPSTASAVPELATDPELEK
KLLHHLSDLALTLPTDAVSICLAISTPDAPATQDGVESLLQKFAAQELIEVKRGLLQDDAHPTLVTYADHSKLSAMMGAV
AEKKGPGEVAGTVTGQKRRAEQDSTTVAAFASSLVSGLNSSASEPAKEPAKKSRKHAASDVDLEIESLLNQQSTKEQQSK
KVSQEILELLNTTTAKEQSIVEKFRSRGRAQVQEFCDYGTKEECMKASDADRPCRKLHFRRIINKHTDESLGDCSFLNTC
FHMDTCKYVHYEIDACMDSEAPGSKDHTPSQELALTQSVGGDSSADRLFPPQWICCDIRYLDVSILGKFAVVMADPPWDI
HMELPYGTLTDDEMRRLNIPVLQDDGFLFLWVTGRAMELGRECLNLWGYERVDEIIWVKTNQLQRIIRTGRTGHWLNHGK
EHCLVGVKGNPQGFNQGLDCDVIVAEVRSTSHKPDEIYGMIERLSPGTRKIELFGRPHNVQPNWITLGNQLDGIHLLDPD
VVARFKQRYPDGIISKPKNL
;
A
2 'polypeptide(L)'
;MDSRLQEIRERQKLRRQLLAQQLGAESADSIGAVLNSKDEQREIAETRETCRASYDTSAPNAKRKYLDEGETDEDKMEEY
KDELEMQQDEENLPYEEEIYKDSSTFLKGTQSLNPHNDYCQHFVDTGHRPQNFIRDVGLADRFEEYPKLRELIRLKDELI
AKSNTPPMYLQADIEAFDIRELTPKFDVILLEPPLEEYYRETGITANEKCWTWDDIMKLEIDEIAAPRSFIFLWCGSGEG
LDLGRVCLRKWGYRRCEDICWIKTNKNNPGKTKTLDPKAVFQRTKEHCLMGIKGTVKRSTDGDFIHANVDIDLIITEEPE
IGNIEKPVEIFHIIEHFCLGRRRLHLFGRDSTIRPGWLTVGPTLTNSNYNAETYASYFSAPNSYLTGCTEEIERLRPKSP
PPKSKSDRGGGAPRGGGRGGTSAGRGRERNRSNFRGERGGFRGGRGGAHRGGFPPR
;
B
#
loop_
_chem_comp.id
_chem_comp.type
_chem_comp.name
_chem_comp.formula
ACT non-polymer 'ACETATE ION' 'C2 H3 O2 -1'
NWQ non-polymer (2~{S},3~{S},4~{R},5~{R})-5-(6-aminopurin-9-yl)-~{N}-methyl-3,4-bis(oxidanyl)oxolane-2-carboxamide 'C11 H14 N6 O4'
#
# COMPACT_ATOMS: atom_id res chain seq x y z
N LEU A 368 -4.58 4.53 -34.47
CA LEU A 368 -3.88 5.74 -34.89
C LEU A 368 -3.10 6.38 -33.72
N PHE A 369 -1.77 6.32 -33.83
CA PHE A 369 -0.92 6.52 -32.66
C PHE A 369 -0.98 7.88 -31.96
N PRO A 370 -1.30 9.02 -32.58
CA PRO A 370 -1.20 10.31 -31.84
C PRO A 370 -2.29 10.46 -30.78
N PRO A 371 -2.18 11.45 -29.89
CA PRO A 371 -3.16 11.56 -28.80
C PRO A 371 -4.60 11.69 -29.29
N GLN A 372 -5.53 11.18 -28.49
CA GLN A 372 -6.96 11.28 -28.75
C GLN A 372 -7.67 11.47 -27.42
N TRP A 373 -8.79 12.18 -27.44
CA TRP A 373 -9.53 12.41 -26.22
C TRP A 373 -11.03 12.63 -26.52
N ILE A 374 -11.81 12.58 -25.46
CA ILE A 374 -13.27 12.72 -25.49
C ILE A 374 -13.66 13.42 -24.20
N CYS A 375 -14.07 14.68 -24.29
CA CYS A 375 -14.70 15.34 -23.16
C CYS A 375 -16.08 14.73 -22.94
N CYS A 376 -16.33 14.25 -21.74
CA CYS A 376 -17.60 13.60 -21.50
C CYS A 376 -17.83 13.45 -20.01
N ASP A 377 -19.01 12.97 -19.68
CA ASP A 377 -19.26 12.40 -18.37
C ASP A 377 -19.04 10.91 -18.51
N ILE A 378 -18.03 10.38 -17.82
CA ILE A 378 -17.68 8.99 -18.03
C ILE A 378 -18.80 8.08 -17.56
N ARG A 379 -19.66 8.58 -16.67
CA ARG A 379 -20.81 7.81 -16.22
C ARG A 379 -21.72 7.49 -17.39
N TYR A 380 -21.95 8.46 -18.27
CA TYR A 380 -23.00 8.39 -19.28
C TYR A 380 -22.47 8.07 -20.67
N LEU A 381 -21.16 8.03 -20.88
CA LEU A 381 -20.64 7.67 -22.18
C LEU A 381 -20.75 6.16 -22.38
N ASP A 382 -21.11 5.77 -23.59
CA ASP A 382 -21.16 4.36 -23.97
C ASP A 382 -19.76 3.97 -24.45
N VAL A 383 -18.96 3.40 -23.54
CA VAL A 383 -17.56 3.12 -23.86
C VAL A 383 -17.39 1.90 -24.75
N SER A 384 -18.48 1.19 -25.07
CA SER A 384 -18.38 0.04 -25.98
C SER A 384 -17.92 0.47 -27.37
N ILE A 385 -18.14 1.74 -27.74
CA ILE A 385 -17.69 2.19 -29.04
C ILE A 385 -16.17 2.30 -29.15
N LEU A 386 -15.46 2.17 -28.04
CA LEU A 386 -14.04 2.49 -27.99
C LEU A 386 -13.13 1.33 -28.31
N GLY A 387 -13.63 0.10 -28.27
CA GLY A 387 -12.77 -1.05 -28.50
C GLY A 387 -12.15 -1.58 -27.22
N LYS A 388 -11.17 -2.46 -27.42
CA LYS A 388 -10.44 -3.14 -26.36
C LYS A 388 -9.06 -2.53 -26.22
N PHE A 389 -8.53 -2.55 -24.99
CA PHE A 389 -7.27 -1.91 -24.70
C PHE A 389 -6.36 -2.85 -23.95
N ALA A 390 -5.06 -2.77 -24.24
CA ALA A 390 -4.11 -3.58 -23.49
C ALA A 390 -3.95 -3.05 -22.07
N VAL A 391 -4.15 -1.74 -21.85
CA VAL A 391 -3.96 -1.11 -20.56
C VAL A 391 -5.09 -0.11 -20.34
N VAL A 392 -5.65 -0.14 -19.13
CA VAL A 392 -6.56 0.90 -18.65
C VAL A 392 -5.92 1.55 -17.43
N MET A 393 -5.94 2.87 -17.38
CA MET A 393 -5.51 3.57 -16.18
C MET A 393 -6.61 4.55 -15.78
N ALA A 394 -6.82 4.70 -14.48
CA ALA A 394 -7.85 5.59 -13.97
C ALA A 394 -7.36 6.31 -12.74
N ASP A 395 -7.73 7.58 -12.61
CA ASP A 395 -7.43 8.37 -11.42
C ASP A 395 -8.75 8.95 -10.93
N PRO A 396 -9.60 8.12 -10.33
CA PRO A 396 -11.00 8.50 -10.19
C PRO A 396 -11.17 9.54 -9.10
N PRO A 397 -12.22 10.34 -9.16
CA PRO A 397 -12.56 11.27 -8.07
C PRO A 397 -13.34 10.57 -6.96
N TRP A 398 -12.64 9.74 -6.21
CA TRP A 398 -13.28 8.98 -5.14
C TRP A 398 -13.96 9.93 -4.16
N ASP A 399 -14.99 9.43 -3.48
CA ASP A 399 -15.70 10.15 -2.42
C ASP A 399 -15.10 9.80 -1.07
N ILE A 400 -14.09 10.53 -0.66
CA ILE A 400 -13.38 10.18 0.55
C ILE A 400 -13.54 11.26 1.62
N TYR A 406 -15.17 18.74 -4.11
CA TYR A 406 -14.89 18.63 -5.54
C TYR A 406 -16.04 17.94 -6.29
N GLY A 407 -15.84 17.68 -7.60
CA GLY A 407 -16.78 16.91 -8.39
C GLY A 407 -16.53 15.42 -8.27
N THR A 408 -17.45 14.69 -7.61
CA THR A 408 -17.21 13.37 -7.06
C THR A 408 -18.10 12.32 -7.70
N LEU A 409 -17.70 11.06 -7.54
CA LEU A 409 -18.50 9.90 -7.90
C LEU A 409 -18.75 9.10 -6.64
N THR A 410 -20.02 8.76 -6.40
CA THR A 410 -20.34 7.89 -5.28
C THR A 410 -19.75 6.50 -5.49
N ASP A 411 -19.71 5.75 -4.40
CA ASP A 411 -19.21 4.39 -4.46
C ASP A 411 -19.99 3.55 -5.45
N ASP A 412 -21.32 3.74 -5.52
CA ASP A 412 -22.10 2.93 -6.45
C ASP A 412 -21.83 3.31 -7.90
N GLU A 413 -21.68 4.61 -8.18
CA GLU A 413 -21.31 5.05 -9.52
C GLU A 413 -19.97 4.47 -9.92
N MET A 414 -18.99 4.52 -9.02
CA MET A 414 -17.70 3.91 -9.29
C MET A 414 -17.83 2.42 -9.55
N ARG A 415 -18.61 1.72 -8.72
CA ARG A 415 -18.83 0.29 -8.94
C ARG A 415 -19.49 0.02 -10.29
N ARG A 416 -20.38 0.91 -10.71
CA ARG A 416 -21.18 0.70 -11.90
C ARG A 416 -20.47 1.10 -13.20
N LEU A 417 -19.29 1.72 -13.13
CA LEU A 417 -18.59 2.14 -14.34
C LEU A 417 -18.34 0.94 -15.23
N ASN A 418 -18.56 1.11 -16.53
CA ASN A 418 -18.51 -0.06 -17.40
C ASN A 418 -17.08 -0.41 -17.76
N ILE A 419 -16.21 -0.53 -16.74
CA ILE A 419 -14.82 -0.99 -16.97
C ILE A 419 -14.75 -2.33 -17.69
N PRO A 420 -15.61 -3.33 -17.39
CA PRO A 420 -15.41 -4.66 -17.99
C PRO A 420 -15.39 -4.71 -19.51
N VAL A 421 -16.12 -3.83 -20.19
CA VAL A 421 -16.16 -3.88 -21.66
C VAL A 421 -14.85 -3.44 -22.28
N LEU A 422 -13.97 -2.78 -21.51
CA LEU A 422 -12.81 -2.13 -22.09
C LEU A 422 -11.66 -3.08 -22.39
N GLN A 423 -11.58 -4.24 -21.73
CA GLN A 423 -10.45 -5.13 -21.94
C GLN A 423 -10.92 -6.58 -21.98
N ASP A 424 -10.21 -7.38 -22.77
CA ASP A 424 -10.23 -8.84 -22.65
C ASP A 424 -9.00 -9.36 -21.94
N ASP A 425 -7.82 -8.90 -22.32
CA ASP A 425 -6.59 -9.36 -21.71
C ASP A 425 -5.66 -8.18 -21.55
N GLY A 426 -5.31 -7.87 -20.31
CA GLY A 426 -4.44 -6.74 -20.07
C GLY A 426 -4.53 -6.28 -18.62
N PHE A 427 -4.01 -5.07 -18.42
CA PHE A 427 -3.74 -4.55 -17.09
C PHE A 427 -4.54 -3.28 -16.82
N LEU A 428 -4.93 -3.12 -15.56
CA LEU A 428 -5.59 -1.92 -15.07
C LEU A 428 -4.67 -1.24 -14.06
N PHE A 429 -4.52 0.07 -14.18
CA PHE A 429 -3.77 0.86 -13.20
C PHE A 429 -4.75 1.81 -12.48
N LEU A 430 -4.89 1.64 -11.17
CA LEU A 430 -5.99 2.28 -10.42
C LEU A 430 -5.43 3.09 -9.25
N TRP A 431 -5.47 4.40 -9.38
CA TRP A 431 -4.96 5.28 -8.32
C TRP A 431 -5.93 5.31 -7.15
N VAL A 432 -5.38 5.18 -5.95
CA VAL A 432 -6.19 5.14 -4.73
C VAL A 432 -5.56 5.99 -3.64
N THR A 433 -6.38 6.31 -2.64
CA THR A 433 -6.10 7.21 -1.54
C THR A 433 -7.07 6.88 -0.43
N GLY A 434 -6.62 7.00 0.81
CA GLY A 434 -7.54 6.89 1.92
C GLY A 434 -8.34 5.60 1.85
N ARG A 435 -9.65 5.72 2.06
CA ARG A 435 -10.46 4.52 2.07
C ARG A 435 -10.71 3.96 0.68
N ALA A 436 -10.38 4.69 -0.39
CA ALA A 436 -10.37 4.08 -1.69
C ALA A 436 -9.29 3.01 -1.82
N MET A 437 -8.34 2.94 -0.88
CA MET A 437 -7.45 1.79 -0.89
C MET A 437 -8.23 0.51 -0.79
N GLU A 438 -9.34 0.54 -0.05
CA GLU A 438 -10.19 -0.62 0.10
C GLU A 438 -11.26 -0.63 -0.97
N LEU A 439 -11.89 0.52 -1.20
CA LEU A 439 -12.94 0.59 -2.21
C LEU A 439 -12.39 0.27 -3.58
N GLY A 440 -11.20 0.80 -3.89
CA GLY A 440 -10.58 0.52 -5.18
C GLY A 440 -10.30 -0.95 -5.37
N ARG A 441 -9.98 -1.66 -4.29
CA ARG A 441 -9.82 -3.10 -4.38
C ARG A 441 -11.13 -3.78 -4.70
N GLU A 442 -12.22 -3.28 -4.12
CA GLU A 442 -13.54 -3.83 -4.38
C GLU A 442 -13.92 -3.63 -5.83
N CYS A 443 -13.84 -2.38 -6.31
CA CYS A 443 -14.08 -2.09 -7.72
C CYS A 443 -13.24 -2.99 -8.62
N LEU A 444 -11.95 -3.08 -8.31
CA LEU A 444 -11.05 -3.85 -9.14
C LEU A 444 -11.51 -5.29 -9.25
N ASN A 445 -11.89 -5.90 -8.12
CA ASN A 445 -12.35 -7.28 -8.16
C ASN A 445 -13.74 -7.37 -8.80
N LEU A 446 -14.65 -6.43 -8.47
CA LEU A 446 -15.96 -6.45 -9.10
C LEU A 446 -15.83 -6.38 -10.62
N TRP A 447 -14.94 -5.50 -11.12
CA TRP A 447 -14.75 -5.38 -12.56
C TRP A 447 -14.06 -6.58 -13.19
N GLY A 448 -13.64 -7.58 -12.41
CA GLY A 448 -13.04 -8.78 -12.95
C GLY A 448 -11.51 -8.86 -12.93
N TYR A 449 -10.83 -8.00 -12.17
CA TYR A 449 -9.38 -8.03 -12.11
C TYR A 449 -8.90 -8.72 -10.84
N GLU A 450 -7.65 -9.18 -10.88
CA GLU A 450 -6.89 -9.59 -9.71
C GLU A 450 -5.77 -8.58 -9.50
N ARG A 451 -5.69 -7.99 -8.30
CA ARG A 451 -4.59 -7.08 -8.00
C ARG A 451 -3.31 -7.90 -7.91
N VAL A 452 -2.35 -7.61 -8.78
CA VAL A 452 -1.08 -8.34 -8.78
C VAL A 452 0.11 -7.45 -8.46
N ASP A 453 -0.06 -6.13 -8.34
CA ASP A 453 1.04 -5.25 -7.99
C ASP A 453 0.46 -3.97 -7.41
N GLU A 454 1.32 -3.18 -6.78
CA GLU A 454 0.90 -1.91 -6.22
C GLU A 454 2.06 -0.94 -6.35
N ILE A 455 1.91 0.05 -7.21
CA ILE A 455 2.94 1.06 -7.42
C ILE A 455 2.81 2.12 -6.33
N ILE A 456 3.97 2.57 -5.84
CA ILE A 456 4.05 3.66 -4.87
C ILE A 456 4.76 4.83 -5.53
N TRP A 457 4.12 5.98 -5.57
CA TRP A 457 4.78 7.20 -6.04
C TRP A 457 5.22 8.02 -4.83
N VAL A 458 6.53 8.17 -4.66
CA VAL A 458 7.07 8.97 -3.57
C VAL A 458 7.23 10.41 -4.05
N LYS A 459 6.55 11.34 -3.38
CA LYS A 459 6.51 12.74 -3.79
C LYS A 459 7.71 13.49 -3.22
N THR A 460 8.54 14.05 -4.09
CA THR A 460 9.70 14.85 -3.75
C THR A 460 9.51 16.28 -4.24
N ASN A 461 10.38 17.16 -3.77
CA ASN A 461 10.50 18.50 -4.32
C ASN A 461 11.56 18.51 -5.43
N GLN A 462 11.96 19.71 -5.87
CA GLN A 462 12.99 19.82 -6.89
C GLN A 462 14.36 19.40 -6.38
N LEU A 463 14.52 19.21 -5.08
CA LEU A 463 15.78 18.77 -4.49
C LEU A 463 15.76 17.31 -4.04
N GLN A 464 14.86 16.51 -4.60
CA GLN A 464 14.77 15.07 -4.32
C GLN A 464 14.63 14.78 -2.82
N ARG A 465 13.81 15.58 -2.14
CA ARG A 465 13.47 15.39 -0.74
C ARG A 465 11.96 15.21 -0.62
N ILE A 466 11.54 14.32 0.28
CA ILE A 466 10.13 13.97 0.40
C ILE A 466 9.33 15.18 0.88
N ILE A 467 8.21 15.44 0.21
CA ILE A 467 7.35 16.58 0.55
C ILE A 467 6.65 16.35 1.89
N HIS A 474 -3.98 11.34 9.01
CA HIS A 474 -4.28 11.80 10.36
C HIS A 474 -3.18 11.42 11.36
N TRP A 475 -2.87 10.12 11.45
CA TRP A 475 -1.84 9.66 12.39
C TRP A 475 -0.44 9.94 11.88
N LEU A 476 -0.29 9.99 10.57
CA LEU A 476 1.00 10.02 9.92
C LEU A 476 0.91 10.94 8.72
N ASN A 477 1.98 11.70 8.48
CA ASN A 477 2.05 12.44 7.23
C ASN A 477 2.21 11.48 6.06
N HIS A 478 1.75 11.89 4.90
CA HIS A 478 1.71 11.01 3.73
C HIS A 478 2.77 11.46 2.72
N GLY A 479 3.76 10.61 2.51
CA GLY A 479 4.81 10.85 1.53
C GLY A 479 4.59 10.21 0.19
N LYS A 480 3.43 9.58 -0.05
CA LYS A 480 3.29 8.73 -1.21
C LYS A 480 1.83 8.66 -1.65
N GLU A 481 1.64 8.18 -2.86
CA GLU A 481 0.32 7.88 -3.39
C GLU A 481 0.38 6.51 -4.04
N HIS A 482 -0.73 5.77 -3.93
CA HIS A 482 -0.74 4.37 -4.33
C HIS A 482 -1.45 4.18 -5.66
N CYS A 483 -0.95 3.24 -6.46
CA CYS A 483 -1.59 2.86 -7.70
C CYS A 483 -1.68 1.35 -7.76
N LEU A 484 -2.89 0.82 -7.61
CA LEU A 484 -3.11 -0.61 -7.71
C LEU A 484 -2.94 -1.07 -9.14
N VAL A 485 -2.35 -2.25 -9.31
CA VAL A 485 -2.16 -2.86 -10.62
C VAL A 485 -2.95 -4.15 -10.66
N GLY A 486 -3.90 -4.23 -11.58
CA GLY A 486 -4.74 -5.41 -11.72
C GLY A 486 -4.57 -6.04 -13.09
N VAL A 487 -4.73 -7.36 -13.14
CA VAL A 487 -4.65 -8.11 -14.39
C VAL A 487 -6.01 -8.72 -14.68
N LYS A 488 -6.37 -8.77 -15.96
CA LYS A 488 -7.59 -9.42 -16.43
C LYS A 488 -7.25 -10.36 -17.56
N GLY A 489 -7.83 -11.56 -17.52
CA GLY A 489 -7.62 -12.52 -18.60
C GLY A 489 -6.21 -13.07 -18.63
N ASN A 490 -5.69 -13.27 -19.84
CA ASN A 490 -4.41 -13.93 -20.09
C ASN A 490 -3.52 -13.05 -20.96
N PRO A 491 -2.97 -11.96 -20.40
CA PRO A 491 -2.11 -11.09 -21.21
C PRO A 491 -0.84 -11.80 -21.65
N GLN A 492 -0.50 -11.61 -22.91
CA GLN A 492 0.68 -12.23 -23.50
C GLN A 492 1.50 -11.18 -24.24
N GLY A 493 2.82 -11.31 -24.16
CA GLY A 493 3.71 -10.39 -24.82
C GLY A 493 3.88 -9.06 -24.13
N PHE A 494 3.79 -9.06 -22.80
CA PHE A 494 4.13 -7.89 -22.02
C PHE A 494 5.53 -8.09 -21.44
N ASN A 495 6.24 -6.98 -21.25
CA ASN A 495 7.58 -7.04 -20.66
C ASN A 495 7.50 -6.82 -19.16
N GLN A 496 7.04 -7.86 -18.48
CA GLN A 496 6.92 -7.81 -17.03
C GLN A 496 8.30 -7.83 -16.40
N GLY A 497 8.50 -6.99 -15.38
CA GLY A 497 9.75 -6.94 -14.64
C GLY A 497 10.79 -5.94 -15.13
N LEU A 498 10.49 -5.10 -16.10
CA LEU A 498 11.45 -4.08 -16.51
C LEU A 498 11.54 -2.97 -15.48
N ASP A 499 10.41 -2.49 -14.98
CA ASP A 499 10.46 -1.43 -14.00
C ASP A 499 10.23 -1.99 -12.61
N CYS A 500 10.66 -1.24 -11.62
CA CYS A 500 10.32 -1.60 -10.26
C CYS A 500 9.08 -0.80 -9.84
N ASP A 501 8.56 -1.13 -8.66
CA ASP A 501 7.25 -0.67 -8.24
C ASP A 501 7.30 0.58 -7.37
N VAL A 502 8.38 1.35 -7.45
CA VAL A 502 8.46 2.61 -6.73
C VAL A 502 8.77 3.71 -7.74
N ILE A 503 8.03 4.81 -7.67
CA ILE A 503 8.27 5.98 -8.52
C ILE A 503 8.70 7.13 -7.63
N VAL A 504 9.77 7.81 -8.04
CA VAL A 504 10.27 8.99 -7.32
C VAL A 504 10.24 10.15 -8.31
N ALA A 505 9.46 11.19 -7.99
CA ALA A 505 9.18 12.19 -9.01
C ALA A 505 8.59 13.44 -8.38
N GLU A 506 8.86 14.56 -9.05
CA GLU A 506 8.41 15.88 -8.62
C GLU A 506 6.89 15.93 -8.55
N VAL A 507 6.36 16.42 -7.43
CA VAL A 507 4.94 16.76 -7.33
C VAL A 507 4.71 18.08 -8.04
N ARG A 508 3.78 18.08 -8.99
CA ARG A 508 3.54 19.27 -9.80
C ARG A 508 2.19 19.92 -9.46
N SER A 509 1.28 19.94 -10.43
CA SER A 509 -0.07 20.42 -10.17
C SER A 509 -0.77 19.48 -9.21
N THR A 510 -1.79 20.00 -8.53
CA THR A 510 -2.56 19.17 -7.60
C THR A 510 -3.41 18.17 -8.38
N SER A 511 -3.61 17.00 -7.78
CA SER A 511 -4.25 15.84 -8.40
C SER A 511 -3.56 15.41 -9.69
N HIS A 512 -2.35 15.89 -9.93
CA HIS A 512 -1.62 15.57 -11.15
C HIS A 512 -0.61 14.47 -10.86
N LYS A 513 -0.84 13.29 -11.44
CA LYS A 513 0.05 12.16 -11.30
C LYS A 513 1.33 12.38 -12.14
N PRO A 514 2.39 11.60 -11.91
CA PRO A 514 3.66 11.82 -12.61
C PRO A 514 3.73 11.18 -13.98
N ASP A 515 4.45 11.85 -14.88
CA ASP A 515 4.58 11.39 -16.26
C ASP A 515 5.34 10.08 -16.39
N GLU A 516 6.13 9.72 -15.38
CA GLU A 516 6.88 8.47 -15.43
C GLU A 516 5.97 7.25 -15.62
N ILE A 517 4.72 7.30 -15.13
CA ILE A 517 3.84 6.14 -15.25
C ILE A 517 3.63 5.75 -16.73
N TYR A 518 3.65 6.73 -17.65
CA TYR A 518 3.42 6.44 -19.08
C TYR A 518 4.61 5.68 -19.69
N GLY A 519 5.84 6.07 -19.34
CA GLY A 519 6.99 5.30 -19.77
C GLY A 519 7.02 3.89 -19.21
N MET A 520 6.72 3.74 -17.90
CA MET A 520 6.60 2.39 -17.34
C MET A 520 5.55 1.59 -18.09
N ILE A 521 4.44 2.24 -18.43
CA ILE A 521 3.37 1.52 -19.10
C ILE A 521 3.76 1.22 -20.55
N GLU A 522 4.48 2.14 -21.20
CA GLU A 522 4.97 1.90 -22.55
C GLU A 522 6.01 0.80 -22.60
N ARG A 523 6.92 0.75 -21.63
CA ARG A 523 7.89 -0.33 -21.62
C ARG A 523 7.21 -1.66 -21.38
N LEU A 524 6.16 -1.68 -20.55
CA LEU A 524 5.49 -2.93 -20.25
C LEU A 524 4.69 -3.44 -21.45
N SER A 525 4.06 -2.54 -22.20
CA SER A 525 3.18 -2.91 -23.30
C SER A 525 3.42 -1.95 -24.47
N PRO A 526 4.51 -2.14 -25.20
CA PRO A 526 4.90 -1.16 -26.23
C PRO A 526 3.99 -1.23 -27.45
N GLY A 527 3.55 -0.06 -27.91
CA GLY A 527 2.79 0.09 -29.13
C GLY A 527 1.32 -0.28 -29.06
N THR A 528 0.84 -0.79 -27.93
CA THR A 528 -0.56 -1.21 -27.81
C THR A 528 -1.45 -0.01 -27.53
N ARG A 529 -2.75 -0.16 -27.72
CA ARG A 529 -3.66 0.93 -27.42
C ARG A 529 -4.10 0.91 -25.96
N LYS A 530 -4.27 2.10 -25.41
CA LYS A 530 -4.44 2.30 -23.98
C LYS A 530 -5.49 3.36 -23.77
N ILE A 531 -6.17 3.30 -22.63
CA ILE A 531 -7.19 4.30 -22.35
C ILE A 531 -7.04 4.78 -20.90
N GLU A 532 -7.19 6.10 -20.72
CA GLU A 532 -7.13 6.72 -19.40
C GLU A 532 -8.49 7.31 -19.07
N LEU A 533 -8.97 7.03 -17.87
CA LEU A 533 -10.21 7.59 -17.37
C LEU A 533 -9.92 8.69 -16.37
N PHE A 534 -10.70 9.78 -16.47
CA PHE A 534 -10.56 10.93 -15.60
C PHE A 534 -9.24 11.64 -15.83
N GLY A 535 -8.77 11.61 -17.07
CA GLY A 535 -7.59 12.37 -17.40
C GLY A 535 -7.95 13.81 -17.69
N ARG A 536 -6.91 14.63 -17.77
CA ARG A 536 -7.05 16.05 -18.05
C ARG A 536 -6.09 16.39 -19.17
N PRO A 537 -6.20 17.62 -19.76
CA PRO A 537 -5.44 17.95 -20.98
C PRO A 537 -3.98 17.52 -21.00
N HIS A 538 -3.27 17.77 -19.90
CA HIS A 538 -1.86 17.40 -19.85
C HIS A 538 -1.64 15.89 -19.93
N ASN A 539 -2.68 15.10 -19.66
CA ASN A 539 -2.55 13.65 -19.64
C ASN A 539 -2.56 13.03 -21.04
N VAL A 540 -2.98 13.75 -22.08
CA VAL A 540 -3.13 13.10 -23.38
C VAL A 540 -1.74 12.71 -23.90
N GLN A 541 -1.64 11.51 -24.46
CA GLN A 541 -0.39 10.87 -24.86
C GLN A 541 -0.63 10.07 -26.12
N PRO A 542 0.41 9.84 -26.93
CA PRO A 542 0.28 8.90 -28.05
C PRO A 542 -0.09 7.52 -27.52
N ASN A 543 -0.76 6.74 -28.38
CA ASN A 543 -1.29 5.42 -28.08
C ASN A 543 -2.41 5.46 -27.04
N TRP A 544 -2.69 6.61 -26.44
CA TRP A 544 -3.70 6.74 -25.40
C TRP A 544 -4.94 7.49 -25.90
N ILE A 545 -6.11 6.99 -25.54
CA ILE A 545 -7.34 7.73 -25.64
C ILE A 545 -7.69 8.20 -24.24
N THR A 546 -7.90 9.50 -24.06
CA THR A 546 -8.18 10.07 -22.76
C THR A 546 -9.66 10.45 -22.64
N LEU A 547 -10.28 10.06 -21.53
CA LEU A 547 -11.65 10.47 -21.23
C LEU A 547 -11.64 11.32 -19.97
N GLY A 548 -12.44 12.38 -19.98
CA GLY A 548 -12.54 13.25 -18.82
C GLY A 548 -13.40 14.47 -19.11
N ASN A 549 -14.00 15.05 -18.07
CA ASN A 549 -14.93 16.15 -18.30
C ASN A 549 -14.24 17.51 -18.31
N GLN A 550 -12.92 17.56 -18.15
CA GLN A 550 -12.15 18.80 -18.28
C GLN A 550 -11.26 18.80 -19.50
N LEU A 551 -11.44 17.85 -20.41
CA LEU A 551 -10.79 17.94 -21.71
C LEU A 551 -11.61 18.85 -22.62
N ASP A 552 -11.02 19.20 -23.75
CA ASP A 552 -11.57 20.21 -24.65
C ASP A 552 -12.12 19.49 -25.87
N GLY A 553 -13.43 19.25 -25.87
CA GLY A 553 -14.07 18.68 -27.05
C GLY A 553 -13.73 17.22 -27.27
N ILE A 554 -13.70 16.83 -28.54
CA ILE A 554 -13.58 15.43 -28.98
C ILE A 554 -12.57 15.35 -30.12
N HIS A 555 -11.42 14.71 -29.88
CA HIS A 555 -10.36 14.60 -30.87
C HIS A 555 -10.07 13.11 -31.12
N LEU A 556 -10.56 12.58 -32.24
CA LEU A 556 -10.48 11.16 -32.54
C LEU A 556 -9.91 10.93 -33.93
N LEU A 557 -9.04 9.93 -34.07
CA LEU A 557 -8.36 9.73 -35.34
C LEU A 557 -8.32 8.28 -35.77
N ASP A 558 -8.42 7.36 -34.81
CA ASP A 558 -8.56 5.96 -35.15
C ASP A 558 -9.86 5.79 -35.95
N PRO A 559 -9.79 5.33 -37.20
CA PRO A 559 -11.02 5.25 -38.01
C PRO A 559 -12.09 4.34 -37.43
N ASP A 560 -11.71 3.17 -36.90
CA ASP A 560 -12.69 2.29 -36.26
C ASP A 560 -13.44 3.02 -35.15
N VAL A 561 -12.73 3.77 -34.31
CA VAL A 561 -13.37 4.54 -33.25
C VAL A 561 -14.30 5.59 -33.85
N VAL A 562 -13.78 6.37 -34.82
CA VAL A 562 -14.56 7.43 -35.45
C VAL A 562 -15.87 6.87 -36.01
N ALA A 563 -15.79 5.73 -36.69
CA ALA A 563 -16.98 5.10 -37.26
C ALA A 563 -17.96 4.69 -36.18
N ARG A 564 -17.50 3.96 -35.17
CA ARG A 564 -18.43 3.50 -34.14
C ARG A 564 -18.99 4.68 -33.36
N PHE A 565 -18.20 5.74 -33.21
CA PHE A 565 -18.68 6.95 -32.54
C PHE A 565 -19.80 7.61 -33.34
N LYS A 566 -19.60 7.80 -34.66
CA LYS A 566 -20.64 8.41 -35.48
C LYS A 566 -21.88 7.51 -35.56
N GLN A 567 -21.69 6.20 -35.65
CA GLN A 567 -22.82 5.27 -35.60
C GLN A 567 -23.63 5.46 -34.31
N ARG A 568 -22.95 5.57 -33.17
CA ARG A 568 -23.62 5.67 -31.87
C ARG A 568 -24.07 7.09 -31.57
N TYR A 569 -23.25 8.08 -31.91
CA TYR A 569 -23.58 9.49 -31.69
C TYR A 569 -23.58 10.23 -33.02
N PRO A 570 -24.60 10.00 -33.86
CA PRO A 570 -24.64 10.74 -35.15
C PRO A 570 -24.67 12.25 -35.02
N ASP A 571 -25.29 12.79 -33.96
CA ASP A 571 -25.31 14.23 -33.75
C ASP A 571 -24.40 14.68 -32.62
N GLY A 572 -23.46 13.84 -32.20
CA GLY A 572 -22.36 14.27 -31.35
C GLY A 572 -22.72 14.73 -29.95
N ILE A 573 -23.78 14.21 -29.35
CA ILE A 573 -24.19 14.59 -28.00
C ILE A 573 -24.21 13.34 -27.13
N ILE A 574 -23.89 13.50 -25.85
CA ILE A 574 -23.81 12.40 -24.90
C ILE A 574 -24.52 12.81 -23.62
N SER A 575 -25.74 12.29 -23.39
CA SER A 575 -26.54 12.70 -22.23
C SER A 575 -27.04 11.54 -21.38
N LYS A 576 -27.37 10.40 -21.99
CA LYS A 576 -27.87 9.25 -21.24
C LYS A 576 -27.55 7.94 -21.96
N ASN B 117 15.06 14.54 -13.64
CA ASN B 117 15.31 13.31 -14.40
C ASN B 117 14.20 12.26 -14.19
N ASP B 118 14.20 11.24 -15.07
CA ASP B 118 13.25 10.13 -15.00
C ASP B 118 13.94 8.94 -14.32
N TYR B 119 13.67 8.74 -13.03
CA TYR B 119 14.36 7.68 -12.33
C TYR B 119 13.87 6.29 -12.70
N CYS B 120 12.66 6.16 -13.28
CA CYS B 120 12.21 4.86 -13.77
C CYS B 120 13.00 4.43 -15.00
N GLN B 121 13.16 5.33 -15.97
CA GLN B 121 14.04 5.03 -17.09
C GLN B 121 15.46 4.80 -16.59
N HIS B 122 15.90 5.60 -15.62
CA HIS B 122 17.26 5.42 -15.11
C HIS B 122 17.42 4.03 -14.50
N PHE B 123 16.42 3.54 -13.77
CA PHE B 123 16.51 2.21 -13.19
C PHE B 123 16.60 1.13 -14.27
N VAL B 124 15.88 1.31 -15.39
CA VAL B 124 15.94 0.26 -16.42
C VAL B 124 17.32 0.28 -17.08
N ASP B 125 17.97 1.46 -17.15
CA ASP B 125 19.28 1.59 -17.79
C ASP B 125 20.42 1.09 -16.89
N THR B 126 20.36 1.36 -15.58
CA THR B 126 21.48 1.14 -14.67
C THR B 126 21.23 0.15 -13.53
N GLY B 127 19.97 -0.22 -13.25
CA GLY B 127 19.66 -1.06 -12.11
C GLY B 127 19.55 -0.34 -10.77
N HIS B 128 19.80 0.96 -10.72
CA HIS B 128 19.65 1.75 -9.50
C HIS B 128 18.18 2.10 -9.30
N ARG B 129 17.58 1.54 -8.26
CA ARG B 129 16.17 1.80 -7.98
C ARG B 129 15.94 3.29 -7.75
N PRO B 130 14.79 3.80 -8.20
CA PRO B 130 14.51 5.24 -8.02
C PRO B 130 14.70 5.71 -6.60
N GLN B 131 14.33 4.90 -5.60
CA GLN B 131 14.46 5.33 -4.21
C GLN B 131 15.91 5.54 -3.79
N ASN B 132 16.87 4.95 -4.52
CA ASN B 132 18.29 5.19 -4.20
C ASN B 132 18.61 6.68 -4.19
N PHE B 133 17.87 7.50 -4.92
CA PHE B 133 18.18 8.91 -5.09
C PHE B 133 17.37 9.83 -4.20
N ILE B 134 16.56 9.28 -3.28
CA ILE B 134 15.99 10.13 -2.24
C ILE B 134 17.09 10.55 -1.27
N ARG B 135 17.16 11.83 -0.97
CA ARG B 135 18.09 12.36 0.02
C ARG B 135 17.36 12.48 1.36
N ASP B 136 17.91 11.85 2.39
CA ASP B 136 17.24 11.83 3.69
C ASP B 136 17.52 13.10 4.47
N GLU B 151 14.14 21.72 16.64
CA GLU B 151 12.83 21.18 16.90
C GLU B 151 12.95 19.92 17.77
N LEU B 152 14.18 19.44 17.95
CA LEU B 152 14.47 18.38 18.92
C LEU B 152 13.62 17.13 18.66
N ILE B 153 12.40 17.10 19.23
CA ILE B 153 11.52 15.93 19.25
C ILE B 153 12.24 14.80 19.97
N ARG B 154 13.13 15.16 20.90
CA ARG B 154 13.95 14.20 21.62
C ARG B 154 13.43 13.94 23.04
N LEU B 155 12.87 14.95 23.69
CA LEU B 155 12.31 14.73 25.02
C LEU B 155 11.21 13.68 24.98
N LYS B 156 10.41 13.68 23.92
CA LYS B 156 9.42 12.62 23.69
C LYS B 156 10.06 11.24 23.80
N ASP B 157 11.15 11.01 23.06
CA ASP B 157 11.90 9.76 23.16
C ASP B 157 12.32 9.45 24.59
N GLU B 158 12.69 10.47 25.36
CA GLU B 158 13.15 10.24 26.73
C GLU B 158 11.98 9.88 27.64
N LEU B 159 10.83 10.51 27.44
CA LEU B 159 9.65 10.13 28.21
C LEU B 159 9.21 8.71 27.87
N ILE B 160 9.31 8.33 26.59
CA ILE B 160 9.02 6.96 26.20
C ILE B 160 9.95 6.00 26.94
N ALA B 161 11.24 6.31 26.98
CA ALA B 161 12.20 5.41 27.62
C ALA B 161 11.99 5.33 29.12
N LYS B 162 11.65 6.46 29.76
CA LYS B 162 11.36 6.41 31.19
C LYS B 162 10.14 5.54 31.47
N SER B 163 9.08 5.68 30.67
CA SER B 163 7.83 4.99 30.97
C SER B 163 7.85 3.52 30.56
N ASN B 164 8.86 3.05 29.83
CA ASN B 164 8.86 1.70 29.27
C ASN B 164 8.94 0.63 30.35
N THR B 165 8.04 -0.36 30.26
CA THR B 165 8.13 -1.55 31.08
C THR B 165 9.45 -2.25 30.78
N PRO B 166 9.97 -3.06 31.71
CA PRO B 166 11.09 -3.91 31.37
C PRO B 166 10.71 -4.85 30.23
N PRO B 167 11.67 -5.25 29.41
CA PRO B 167 11.34 -6.16 28.30
C PRO B 167 10.82 -7.48 28.84
N MET B 168 9.80 -8.03 28.18
CA MET B 168 9.30 -9.35 28.54
C MET B 168 9.09 -10.16 27.27
N TYR B 169 9.26 -11.48 27.40
CA TYR B 169 9.39 -12.29 26.22
C TYR B 169 8.99 -13.69 26.62
N LEU B 170 8.44 -14.43 25.67
CA LEU B 170 8.00 -15.80 25.91
C LEU B 170 8.22 -16.62 24.65
N GLN B 171 8.91 -17.74 24.76
CA GLN B 171 8.90 -18.71 23.67
C GLN B 171 7.54 -19.39 23.62
N ALA B 172 6.90 -19.35 22.46
CA ALA B 172 5.59 -19.99 22.31
C ALA B 172 5.40 -20.31 20.85
N ASP B 173 5.03 -21.55 20.57
CA ASP B 173 4.66 -21.93 19.22
C ASP B 173 3.23 -21.44 19.00
N ILE B 174 3.10 -20.34 18.26
CA ILE B 174 1.85 -19.58 18.22
C ILE B 174 0.72 -20.37 17.55
N GLU B 175 1.06 -21.30 16.65
CA GLU B 175 0.01 -22.11 16.04
C GLU B 175 -0.67 -23.00 17.08
N ALA B 176 0.13 -23.62 17.95
CA ALA B 176 -0.34 -24.57 18.95
C ALA B 176 -0.66 -23.90 20.29
N PHE B 177 -0.58 -22.58 20.35
CA PHE B 177 -0.61 -21.84 21.61
C PHE B 177 -1.94 -21.12 21.74
N ASP B 178 -2.53 -21.20 22.92
CA ASP B 178 -3.79 -20.51 23.18
C ASP B 178 -3.47 -19.06 23.47
N ILE B 179 -3.71 -18.18 22.49
CA ILE B 179 -3.36 -16.77 22.61
C ILE B 179 -4.01 -16.13 23.82
N ARG B 180 -5.07 -16.73 24.37
CA ARG B 180 -5.77 -16.12 25.50
C ARG B 180 -4.92 -16.08 26.76
N GLU B 181 -3.91 -16.95 26.88
CA GLU B 181 -3.00 -16.88 28.03
C GLU B 181 -2.27 -15.56 28.10
N LEU B 182 -2.26 -14.79 27.00
CA LEU B 182 -1.57 -13.51 26.95
C LEU B 182 -2.50 -12.44 27.50
N THR B 183 -2.23 -11.99 28.70
CA THR B 183 -3.02 -10.95 29.34
C THR B 183 -2.08 -9.92 29.95
N PRO B 184 -2.58 -8.69 30.22
CA PRO B 184 -3.96 -8.23 29.95
C PRO B 184 -4.14 -7.91 28.47
N LYS B 185 -5.28 -7.34 28.07
CA LYS B 185 -5.47 -7.01 26.67
C LYS B 185 -4.53 -5.88 26.26
N PHE B 186 -4.09 -5.93 25.01
CA PHE B 186 -2.98 -5.09 24.57
C PHE B 186 -3.49 -3.80 23.94
N ASP B 187 -2.76 -2.71 24.20
CA ASP B 187 -3.04 -1.46 23.51
C ASP B 187 -2.47 -1.45 22.09
N VAL B 188 -1.36 -2.15 21.88
CA VAL B 188 -0.72 -2.18 20.58
C VAL B 188 -0.32 -3.61 20.31
N ILE B 189 -0.61 -4.11 19.10
CA ILE B 189 -0.14 -5.41 18.65
C ILE B 189 0.64 -5.19 17.36
N LEU B 190 1.87 -5.73 17.34
CA LEU B 190 2.72 -5.72 16.16
C LEU B 190 2.85 -7.16 15.72
N LEU B 191 2.50 -7.44 14.47
CA LEU B 191 2.30 -8.81 14.04
C LEU B 191 3.17 -9.04 12.81
N GLU B 192 4.09 -10.00 12.93
CA GLU B 192 5.16 -10.17 11.95
C GLU B 192 5.27 -11.64 11.51
N PRO B 193 4.18 -12.24 11.06
CA PRO B 193 4.22 -13.67 10.72
C PRO B 193 5.24 -13.93 9.63
N PRO B 194 5.94 -15.03 9.68
CA PRO B 194 6.97 -15.29 8.65
C PRO B 194 6.38 -15.82 7.36
N LEU B 195 6.22 -14.94 6.38
CA LEU B 195 5.63 -15.32 5.10
C LEU B 195 6.65 -16.03 4.24
N GLU B 196 6.16 -16.99 3.44
CA GLU B 196 7.01 -17.73 2.51
C GLU B 196 7.85 -16.78 1.66
N GLU B 197 7.24 -15.69 1.20
CA GLU B 197 7.92 -14.78 0.30
C GLU B 197 9.14 -14.11 0.92
N TYR B 198 9.28 -14.14 2.25
CA TYR B 198 10.49 -13.64 2.88
C TYR B 198 11.68 -14.55 2.63
N TYR B 199 11.41 -15.82 2.31
CA TYR B 199 12.45 -16.80 1.98
C TYR B 199 12.36 -17.08 0.49
N ARG B 200 12.90 -16.16 -0.31
CA ARG B 200 13.03 -16.40 -1.74
C ARG B 200 14.20 -17.35 -1.99
N GLU B 201 15.43 -16.87 -1.77
CA GLU B 201 16.63 -17.70 -1.90
C GLU B 201 16.78 -18.74 -0.78
N THR B 202 15.75 -18.99 0.04
CA THR B 202 15.84 -19.99 1.11
C THR B 202 14.54 -20.80 1.23
N LYS B 209 9.54 -22.76 9.91
CA LYS B 209 8.15 -22.85 9.46
C LYS B 209 7.61 -21.50 8.96
N CYS B 210 7.14 -21.47 7.71
CA CYS B 210 6.50 -20.30 7.14
C CYS B 210 5.00 -20.32 7.44
N TRP B 211 4.41 -19.13 7.50
CA TRP B 211 2.98 -18.99 7.75
C TRP B 211 2.29 -18.52 6.47
N THR B 212 1.21 -19.21 6.13
CA THR B 212 0.37 -18.77 5.02
C THR B 212 -0.65 -17.80 5.57
N TRP B 213 -1.31 -17.08 4.65
CA TRP B 213 -2.34 -16.17 5.10
C TRP B 213 -3.53 -16.93 5.67
N ASP B 214 -3.70 -18.18 5.25
CA ASP B 214 -4.65 -19.10 5.87
C ASP B 214 -4.40 -19.22 7.35
N ASP B 215 -3.15 -19.55 7.72
CA ASP B 215 -2.80 -19.69 9.14
C ASP B 215 -3.01 -18.38 9.88
N ILE B 216 -2.58 -17.27 9.28
CA ILE B 216 -2.60 -16.00 10.00
C ILE B 216 -4.03 -15.58 10.28
N MET B 217 -4.88 -15.66 9.24
CA MET B 217 -6.29 -15.29 9.36
C MET B 217 -6.98 -16.07 10.48
N LYS B 218 -6.50 -17.24 10.86
CA LYS B 218 -7.16 -18.00 11.90
C LYS B 218 -6.66 -17.67 13.31
N LEU B 219 -5.65 -16.80 13.44
CA LEU B 219 -5.26 -16.34 14.77
C LEU B 219 -6.39 -15.54 15.41
N GLU B 220 -6.60 -15.73 16.70
CA GLU B 220 -7.72 -15.08 17.37
C GLU B 220 -7.25 -13.78 18.00
N ILE B 221 -6.85 -12.85 17.13
CA ILE B 221 -6.26 -11.59 17.57
C ILE B 221 -7.26 -10.73 18.33
N ASP B 222 -8.56 -10.85 18.02
CA ASP B 222 -9.58 -10.03 18.68
C ASP B 222 -9.77 -10.41 20.13
N GLU B 223 -9.37 -11.62 20.51
CA GLU B 223 -9.52 -12.06 21.90
C GLU B 223 -8.51 -11.43 22.84
N ILE B 224 -7.41 -10.86 22.34
CA ILE B 224 -6.39 -10.26 23.18
C ILE B 224 -6.22 -8.77 22.93
N ALA B 225 -6.98 -8.19 22.00
CA ALA B 225 -6.88 -6.76 21.72
C ALA B 225 -7.79 -5.96 22.64
N ALA B 226 -7.27 -4.84 23.16
CA ALA B 226 -8.12 -4.00 23.97
C ALA B 226 -9.19 -3.35 23.11
N PRO B 227 -10.37 -3.04 23.69
CA PRO B 227 -11.48 -2.54 22.87
C PRO B 227 -11.12 -1.32 22.07
N ARG B 228 -10.31 -0.44 22.62
CA ARG B 228 -9.65 0.60 21.84
C ARG B 228 -8.18 0.21 21.80
N SER B 229 -7.70 -0.19 20.61
CA SER B 229 -6.32 -0.61 20.47
C SER B 229 -5.91 -0.49 19.01
N PHE B 230 -4.65 -0.81 18.75
CA PHE B 230 -4.02 -0.62 17.45
C PHE B 230 -3.29 -1.87 17.04
N ILE B 231 -3.17 -2.07 15.73
CA ILE B 231 -2.43 -3.19 15.19
C ILE B 231 -1.51 -2.67 14.10
N PHE B 232 -0.37 -3.34 13.92
CA PHE B 232 0.57 -3.06 12.85
C PHE B 232 0.95 -4.42 12.29
N LEU B 233 0.52 -4.69 11.07
CA LEU B 233 0.64 -6.01 10.48
C LEU B 233 1.55 -5.91 9.27
N TRP B 234 2.66 -6.63 9.29
CA TRP B 234 3.57 -6.70 8.15
C TRP B 234 2.97 -7.65 7.10
N CYS B 235 2.76 -7.16 5.87
CA CYS B 235 2.00 -7.87 4.84
C CYS B 235 2.81 -8.25 3.62
N GLY B 236 4.10 -7.91 3.58
CA GLY B 236 4.91 -8.27 2.44
C GLY B 236 4.61 -7.37 1.28
N SER B 237 4.62 -7.92 0.08
CA SER B 237 4.33 -7.11 -1.09
C SER B 237 3.47 -7.84 -2.12
N GLY B 238 3.01 -9.05 -1.81
CA GLY B 238 2.19 -9.81 -2.71
C GLY B 238 0.74 -9.82 -2.28
N GLU B 239 0.16 -11.02 -2.19
CA GLU B 239 -1.25 -11.17 -1.83
C GLU B 239 -1.53 -10.70 -0.41
N GLY B 240 -0.50 -10.63 0.45
CA GLY B 240 -0.69 -10.09 1.79
C GLY B 240 -1.30 -8.71 1.81
N LEU B 241 -1.08 -7.92 0.76
CA LEU B 241 -1.67 -6.59 0.74
C LEU B 241 -3.17 -6.65 0.66
N ASP B 242 -3.72 -7.73 0.13
CA ASP B 242 -5.16 -7.95 0.11
C ASP B 242 -5.61 -8.78 1.29
N LEU B 243 -4.90 -9.89 1.56
CA LEU B 243 -5.29 -10.80 2.65
C LEU B 243 -5.08 -10.18 4.02
N GLY B 244 -4.06 -9.33 4.19
CA GLY B 244 -3.88 -8.67 5.47
C GLY B 244 -4.97 -7.65 5.78
N ARG B 245 -5.55 -7.05 4.75
CA ARG B 245 -6.71 -6.18 4.98
C ARG B 245 -7.93 -7.01 5.39
N VAL B 246 -8.11 -8.20 4.79
CA VAL B 246 -9.15 -9.13 5.23
C VAL B 246 -8.95 -9.49 6.70
N CYS B 247 -7.71 -9.79 7.09
CA CYS B 247 -7.38 -10.07 8.49
C CYS B 247 -7.79 -8.92 9.40
N LEU B 248 -7.39 -7.71 9.03
CA LEU B 248 -7.68 -6.58 9.89
C LEU B 248 -9.17 -6.45 10.12
N ARG B 249 -9.95 -6.56 9.04
CA ARG B 249 -11.39 -6.45 9.16
C ARG B 249 -11.95 -7.63 9.93
N LYS B 250 -11.38 -8.81 9.71
CA LYS B 250 -11.83 -9.99 10.45
C LYS B 250 -11.67 -9.81 11.96
N TRP B 251 -10.61 -9.11 12.39
CA TRP B 251 -10.31 -8.91 13.82
C TRP B 251 -10.95 -7.65 14.38
N GLY B 252 -11.67 -6.88 13.57
CA GLY B 252 -12.39 -5.72 14.07
C GLY B 252 -11.72 -4.39 13.85
N TYR B 253 -10.65 -4.32 13.07
CA TYR B 253 -9.99 -3.03 12.86
C TYR B 253 -10.37 -2.45 11.53
N ARG B 254 -10.16 -1.15 11.41
CA ARG B 254 -10.15 -0.46 10.12
C ARG B 254 -8.73 0.05 9.88
N ARG B 255 -8.26 -0.05 8.65
CA ARG B 255 -6.93 0.44 8.36
C ARG B 255 -6.91 1.96 8.37
N CYS B 256 -5.99 2.57 9.14
CA CYS B 256 -5.85 4.01 9.05
C CYS B 256 -4.57 4.47 8.38
N GLU B 257 -3.51 3.65 8.37
CA GLU B 257 -2.31 4.01 7.64
C GLU B 257 -1.81 2.80 6.88
N ASP B 258 -1.08 3.06 5.81
CA ASP B 258 -0.35 2.05 5.03
C ASP B 258 1.10 2.54 5.03
N ILE B 259 1.92 1.95 5.89
CA ILE B 259 3.33 2.34 6.01
C ILE B 259 4.16 1.49 5.07
N CYS B 260 5.01 2.12 4.27
N CYS B 260 4.99 2.13 4.25
CA CYS B 260 5.73 1.41 3.23
CA CYS B 260 5.76 1.44 3.24
C CYS B 260 7.23 1.42 3.51
C CYS B 260 7.24 1.42 3.59
N TRP B 261 7.81 0.22 3.63
CA TRP B 261 9.24 0.05 3.79
C TRP B 261 9.83 -0.04 2.40
N ILE B 262 10.44 1.05 1.96
CA ILE B 262 11.03 1.18 0.64
C ILE B 262 12.51 0.79 0.75
N LYS B 263 12.93 -0.20 -0.03
CA LYS B 263 14.28 -0.75 0.09
C LYS B 263 15.19 -0.23 -1.02
N THR B 264 16.28 0.44 -0.64
CA THR B 264 17.30 0.89 -1.60
C THR B 264 18.28 -0.23 -1.92
N ASN B 265 18.87 -0.17 -3.11
CA ASN B 265 19.89 -1.13 -3.52
C ASN B 265 21.16 -0.41 -3.97
N LYS B 266 21.58 0.60 -3.20
CA LYS B 266 22.78 1.37 -3.54
C LYS B 266 24.03 0.50 -3.55
N ASN B 267 24.00 -0.65 -2.87
CA ASN B 267 25.16 -1.53 -2.78
C ASN B 267 25.07 -2.72 -3.70
N ASN B 268 24.05 -2.79 -4.54
CA ASN B 268 23.95 -3.91 -5.48
C ASN B 268 23.08 -3.56 -6.68
N PRO B 269 23.44 -2.53 -7.46
CA PRO B 269 22.64 -2.22 -8.64
C PRO B 269 22.86 -3.21 -9.77
N LEU B 275 10.68 -13.89 -7.43
CA LEU B 275 10.16 -13.00 -8.47
C LEU B 275 8.80 -13.52 -8.94
N ASP B 276 7.79 -13.35 -8.08
CA ASP B 276 6.39 -13.75 -8.20
C ASP B 276 5.94 -13.85 -9.66
N PRO B 277 5.34 -14.98 -10.07
CA PRO B 277 4.89 -15.11 -11.46
C PRO B 277 3.78 -14.15 -11.83
N LYS B 278 2.94 -13.78 -10.86
CA LYS B 278 1.92 -12.78 -11.07
C LYS B 278 2.48 -11.37 -11.16
N ALA B 279 3.75 -11.17 -10.82
CA ALA B 279 4.31 -9.83 -10.73
C ALA B 279 4.44 -9.17 -12.10
N VAL B 280 4.13 -7.89 -12.15
CA VAL B 280 4.24 -7.09 -13.34
C VAL B 280 5.51 -6.26 -13.23
N PHE B 281 5.89 -5.91 -11.99
CA PHE B 281 7.03 -5.06 -11.72
C PHE B 281 7.96 -5.73 -10.71
N GLN B 282 9.19 -5.26 -10.69
CA GLN B 282 10.12 -5.68 -9.67
C GLN B 282 9.68 -5.11 -8.35
N ARG B 283 9.58 -5.96 -7.33
CA ARG B 283 9.07 -5.56 -6.03
C ARG B 283 10.22 -5.10 -5.15
N THR B 284 10.15 -3.85 -4.70
CA THR B 284 11.25 -3.25 -3.97
C THR B 284 10.81 -2.68 -2.61
N LYS B 285 9.65 -3.09 -2.12
CA LYS B 285 9.13 -2.54 -0.88
C LYS B 285 8.26 -3.57 -0.15
N GLU B 286 7.97 -3.29 1.12
CA GLU B 286 7.03 -4.06 1.91
C GLU B 286 6.09 -3.10 2.62
N HIS B 287 4.91 -3.61 2.99
CA HIS B 287 3.87 -2.80 3.59
C HIS B 287 3.60 -3.26 5.02
N CYS B 288 3.44 -2.31 5.93
CA CYS B 288 2.97 -2.58 7.28
C CYS B 288 1.67 -1.82 7.45
N LEU B 289 0.56 -2.55 7.60
CA LEU B 289 -0.75 -1.92 7.71
C LEU B 289 -1.00 -1.57 9.17
N MET B 290 -1.48 -0.36 9.42
CA MET B 290 -1.87 0.09 10.75
C MET B 290 -3.39 0.06 10.85
N GLY B 291 -3.91 -0.65 11.85
CA GLY B 291 -5.34 -0.76 12.07
C GLY B 291 -5.70 -0.12 13.40
N ILE B 292 -6.91 0.44 13.46
CA ILE B 292 -7.49 0.95 14.71
C ILE B 292 -8.80 0.21 14.98
N LYS B 293 -9.09 0.00 16.24
CA LYS B 293 -10.42 -0.44 16.63
C LYS B 293 -10.83 0.33 17.88
N GLY B 294 -12.11 0.57 18.01
CA GLY B 294 -12.62 1.32 19.13
C GLY B 294 -12.65 2.81 18.87
N THR B 295 -13.01 3.55 19.90
CA THR B 295 -13.11 5.00 19.84
C THR B 295 -11.75 5.62 19.51
N VAL B 309 4.00 13.64 13.72
CA VAL B 309 5.45 13.80 13.70
C VAL B 309 6.11 12.97 12.58
N ASP B 310 5.72 11.71 12.47
CA ASP B 310 6.36 10.78 11.54
C ASP B 310 5.63 10.75 10.19
N ILE B 311 6.24 10.04 9.24
CA ILE B 311 5.75 9.89 7.88
C ILE B 311 5.53 8.40 7.62
N ASP B 312 4.72 8.09 6.59
CA ASP B 312 4.36 6.70 6.32
C ASP B 312 5.34 5.99 5.41
N LEU B 313 6.63 6.37 5.44
CA LEU B 313 7.68 5.73 4.66
C LEU B 313 8.86 5.39 5.55
N ILE B 314 9.42 4.21 5.35
CA ILE B 314 10.71 3.86 5.92
C ILE B 314 11.61 3.52 4.75
N ILE B 315 12.79 4.12 4.72
CA ILE B 315 13.73 3.93 3.62
C ILE B 315 15.02 3.42 4.22
N THR B 316 15.40 2.20 3.85
CA THR B 316 16.67 1.62 4.24
C THR B 316 17.17 0.75 3.09
N GLU B 317 18.42 0.31 3.20
CA GLU B 317 18.98 -0.56 2.18
C GLU B 317 18.36 -1.94 2.26
N GLU B 318 18.19 -2.56 1.11
CA GLU B 318 17.73 -3.93 1.03
C GLU B 318 18.61 -4.80 1.91
N PRO B 319 18.06 -5.54 2.86
CA PRO B 319 18.88 -6.44 3.66
C PRO B 319 19.45 -7.56 2.82
N GLU B 320 20.54 -8.14 3.31
CA GLU B 320 21.17 -9.27 2.63
C GLU B 320 20.22 -10.45 2.56
N ILE B 321 20.48 -11.34 1.61
CA ILE B 321 19.64 -12.53 1.44
C ILE B 321 19.59 -13.31 2.74
N GLY B 322 18.43 -13.91 3.01
CA GLY B 322 18.22 -14.68 4.22
C GLY B 322 17.98 -13.89 5.48
N ASN B 323 18.15 -12.58 5.45
CA ASN B 323 17.84 -11.73 6.59
C ASN B 323 16.39 -11.29 6.49
N ILE B 324 15.59 -11.66 7.50
CA ILE B 324 14.17 -11.37 7.52
C ILE B 324 13.81 -10.23 8.45
N GLU B 325 14.79 -9.60 9.09
CA GLU B 325 14.49 -8.52 10.03
C GLU B 325 13.77 -7.39 9.31
N LYS B 326 12.79 -6.78 10.01
CA LYS B 326 12.16 -5.54 9.54
C LYS B 326 12.88 -4.36 10.18
N PRO B 327 12.89 -3.22 9.51
CA PRO B 327 13.58 -2.05 10.04
C PRO B 327 13.08 -1.67 11.42
N VAL B 328 14.02 -1.52 12.36
CA VAL B 328 13.73 -1.13 13.72
C VAL B 328 12.98 0.20 13.79
N GLU B 329 13.02 1.00 12.72
CA GLU B 329 12.26 2.25 12.62
C GLU B 329 10.75 2.06 12.86
N ILE B 330 10.20 0.87 12.58
CA ILE B 330 8.77 0.67 12.82
C ILE B 330 8.45 0.84 14.30
N PHE B 331 9.38 0.47 15.19
CA PHE B 331 9.14 0.65 16.62
C PHE B 331 9.11 2.12 16.99
N HIS B 332 9.96 2.92 16.34
CA HIS B 332 9.98 4.34 16.64
C HIS B 332 8.69 4.98 16.20
N ILE B 333 8.20 4.62 15.02
CA ILE B 333 6.91 5.15 14.58
C ILE B 333 5.82 4.75 15.57
N ILE B 334 5.75 3.47 15.93
CA ILE B 334 4.69 3.03 16.82
C ILE B 334 4.77 3.75 18.16
N GLU B 335 5.96 3.79 18.75
CA GLU B 335 6.13 4.40 20.07
C GLU B 335 5.84 5.89 20.05
N HIS B 336 6.16 6.59 18.95
CA HIS B 336 5.84 8.02 18.89
C HIS B 336 4.34 8.30 18.85
N PHE B 337 3.51 7.33 18.47
CA PHE B 337 2.08 7.58 18.53
C PHE B 337 1.55 7.68 19.95
N CYS B 338 2.32 7.25 20.94
CA CYS B 338 1.88 7.33 22.34
C CYS B 338 0.52 6.65 22.54
N LEU B 339 0.44 5.37 22.16
CA LEU B 339 -0.85 4.68 22.11
C LEU B 339 -1.21 3.91 23.37
N GLY B 340 -0.36 3.92 24.40
CA GLY B 340 -0.50 3.03 25.52
C GLY B 340 0.71 2.15 25.68
N ARG B 341 0.78 1.48 26.83
CA ARG B 341 2.01 0.80 27.23
C ARG B 341 1.93 -0.72 27.14
N ARG B 342 0.77 -1.30 26.87
CA ARG B 342 0.67 -2.74 26.71
C ARG B 342 0.92 -3.05 25.25
N ARG B 343 2.15 -3.45 24.92
CA ARG B 343 2.58 -3.61 23.54
C ARG B 343 3.02 -5.03 23.35
N LEU B 344 2.46 -5.70 22.35
CA LEU B 344 2.74 -7.09 22.09
C LEU B 344 3.37 -7.21 20.71
N HIS B 345 4.46 -7.97 20.61
CA HIS B 345 5.08 -8.26 19.32
C HIS B 345 4.97 -9.76 19.09
N LEU B 346 4.12 -10.15 18.16
CA LEU B 346 3.95 -11.57 17.87
C LEU B 346 4.88 -11.95 16.73
N PHE B 347 5.55 -13.09 16.88
CA PHE B 347 6.59 -13.54 15.96
C PHE B 347 7.84 -12.67 16.02
N GLY B 348 8.07 -11.97 17.13
CA GLY B 348 9.38 -11.41 17.39
C GLY B 348 10.43 -12.49 17.63
N ARG B 349 11.67 -12.05 17.81
CA ARG B 349 12.83 -12.93 17.95
C ARG B 349 13.69 -12.41 19.08
N ASP B 350 14.68 -13.20 19.51
CA ASP B 350 15.69 -12.71 20.46
C ASP B 350 16.21 -11.34 20.04
N SER B 351 16.54 -11.21 18.76
CA SER B 351 17.01 -9.99 18.10
C SER B 351 16.04 -8.80 18.17
N THR B 352 14.76 -9.00 18.46
CA THR B 352 13.81 -7.89 18.46
C THR B 352 13.39 -7.46 19.84
N ILE B 353 13.75 -8.23 20.86
CA ILE B 353 13.35 -7.87 22.22
C ILE B 353 13.81 -6.46 22.55
N ARG B 354 12.99 -5.74 23.29
CA ARG B 354 13.03 -4.31 23.34
C ARG B 354 12.30 -3.86 24.59
N PRO B 355 12.80 -2.86 25.31
CA PRO B 355 12.06 -2.35 26.47
C PRO B 355 10.70 -1.80 26.06
N GLY B 356 9.74 -1.94 26.96
CA GLY B 356 8.38 -1.53 26.64
C GLY B 356 7.57 -2.51 25.81
N TRP B 357 8.08 -3.69 25.50
CA TRP B 357 7.38 -4.63 24.65
C TRP B 357 7.36 -6.01 25.28
N LEU B 358 6.25 -6.72 25.03
CA LEU B 358 6.17 -8.15 25.27
C LEU B 358 6.35 -8.86 23.92
N THR B 359 7.39 -9.67 23.81
CA THR B 359 7.73 -10.36 22.59
C THR B 359 7.38 -11.84 22.74
N VAL B 360 6.65 -12.38 21.76
CA VAL B 360 6.21 -13.77 21.79
C VAL B 360 6.47 -14.39 20.42
N GLY B 361 7.23 -15.48 20.40
CA GLY B 361 7.45 -16.15 19.15
C GLY B 361 8.10 -17.50 19.38
N PRO B 362 8.09 -18.33 18.33
CA PRO B 362 8.60 -19.70 18.47
C PRO B 362 10.12 -19.82 18.56
N THR B 363 10.89 -18.87 18.05
CA THR B 363 12.34 -19.04 18.05
C THR B 363 13.03 -18.42 19.25
N LEU B 364 12.31 -17.80 20.17
CA LEU B 364 12.96 -17.24 21.36
C LEU B 364 13.67 -18.35 22.11
N THR B 365 14.86 -18.07 22.60
CA THR B 365 15.59 -19.11 23.31
C THR B 365 15.35 -19.05 24.81
N ASN B 366 14.87 -17.93 25.32
CA ASN B 366 14.57 -17.75 26.72
C ASN B 366 13.21 -17.09 26.87
N SER B 367 12.66 -17.24 28.08
CA SER B 367 11.38 -16.67 28.46
C SER B 367 11.52 -16.05 29.85
N ASN B 368 10.84 -14.94 30.06
CA ASN B 368 10.71 -14.40 31.41
C ASN B 368 9.30 -13.93 31.66
N TYR B 369 8.33 -14.29 30.82
CA TYR B 369 6.97 -13.78 30.95
C TYR B 369 6.24 -14.36 32.16
N ASN B 370 5.61 -13.49 32.94
CA ASN B 370 4.67 -13.91 33.96
C ASN B 370 3.46 -12.99 33.90
N ALA B 371 2.27 -13.59 33.75
CA ALA B 371 1.05 -12.81 33.49
C ALA B 371 0.76 -11.85 34.62
N GLU B 372 0.92 -12.32 35.86
CA GLU B 372 0.74 -11.47 37.02
C GLU B 372 1.82 -10.41 37.13
N THR B 373 3.10 -10.79 37.05
CA THR B 373 4.16 -9.78 36.96
C THR B 373 3.90 -8.77 35.84
N TYR B 374 3.61 -9.25 34.63
CA TYR B 374 3.32 -8.34 33.54
C TYR B 374 2.15 -7.39 33.89
N ALA B 375 1.04 -7.95 34.39
CA ALA B 375 -0.12 -7.12 34.69
C ALA B 375 0.19 -6.09 35.78
N SER B 376 1.07 -6.44 36.72
CA SER B 376 1.43 -5.49 37.78
C SER B 376 2.05 -4.21 37.22
N TYR B 377 2.66 -4.25 36.03
CA TYR B 377 3.20 -3.02 35.44
C TYR B 377 2.13 -2.01 35.09
N PHE B 378 0.86 -2.40 35.06
CA PHE B 378 -0.21 -1.56 34.57
C PHE B 378 -1.32 -1.35 35.59
N SER B 379 -1.17 -1.89 36.79
CA SER B 379 -2.13 -1.64 37.85
C SER B 379 -2.06 -0.17 38.26
N ALA B 380 -3.18 0.31 38.82
CA ALA B 380 -3.35 1.69 39.27
C ALA B 380 -2.16 2.12 40.13
N PRO B 381 -1.75 3.39 40.06
CA PRO B 381 -2.37 4.43 39.22
C PRO B 381 -1.84 4.51 37.76
N ASN B 382 -1.41 3.40 37.18
CA ASN B 382 -0.70 3.43 35.90
C ASN B 382 -1.48 2.83 34.74
N SER B 383 -2.80 2.69 34.88
CA SER B 383 -3.59 1.85 33.98
C SER B 383 -3.87 2.49 32.62
N TYR B 384 -3.77 3.82 32.50
CA TYR B 384 -4.20 4.50 31.28
C TYR B 384 -3.11 5.40 30.72
N LEU B 385 -1.85 5.17 31.11
CA LEU B 385 -0.76 6.00 30.60
C LEU B 385 -0.57 5.77 29.11
N THR B 386 -0.15 6.83 28.41
CA THR B 386 0.06 6.76 26.98
C THR B 386 1.41 6.16 26.62
N GLY B 387 2.33 6.07 27.57
CA GLY B 387 3.70 5.75 27.25
C GLY B 387 4.55 6.96 26.92
N CYS B 388 3.96 8.17 26.99
CA CYS B 388 4.65 9.42 26.70
C CYS B 388 4.52 10.43 27.83
N THR B 389 4.04 10.02 28.99
CA THR B 389 3.82 10.89 30.14
C THR B 389 4.95 10.67 31.16
N GLU B 390 5.01 11.56 32.15
CA GLU B 390 5.90 11.32 33.28
C GLU B 390 5.37 10.17 34.13
N GLU B 391 6.29 9.43 34.76
CA GLU B 391 5.86 8.39 35.67
C GLU B 391 5.12 9.00 36.87
N ILE B 392 4.24 8.20 37.48
CA ILE B 392 3.44 8.65 38.61
C ILE B 392 4.18 8.34 39.90
N GLU B 393 4.32 9.35 40.76
CA GLU B 393 5.13 9.25 41.99
C GLU B 393 4.67 8.15 42.95
C13 NWQ C . -10.69 14.35 -12.89
C26 NWQ C . -14.82 13.48 -14.42
C28 NWQ C . -15.64 12.57 -16.43
C02 NWQ C . -17.02 12.48 -14.57
C03 NWQ C . -16.00 13.14 -13.80
C05 NWQ C . -14.70 14.13 -12.32
C07 NWQ C . -12.79 14.60 -13.66
C08 NWQ C . -12.43 15.89 -12.85
C09 NWQ C . -11.18 15.95 -12.95
C14 NWQ C . -10.15 14.00 -11.50
C16 NWQ C . -8.44 13.31 -9.83
N01 NWQ C . -18.28 12.07 -13.98
N04 NWQ C . -15.89 13.55 -12.50
N06 NWQ C . -14.02 14.12 -13.46
N15 NWQ C . -8.77 13.63 -11.24
N27 NWQ C . -14.66 13.19 -15.74
N29 NWQ C . -16.76 12.22 -15.86
O10 NWQ C . -10.84 16.50 -14.25
O11 NWQ C . -13.09 17.13 -13.42
O12 NWQ C . -11.72 13.64 -13.13
O25 NWQ C . -10.88 14.02 -10.58
C ACT D . -10.19 -1.98 6.12
O ACT D . -10.31 -0.96 6.80
OXT ACT D . -10.97 -2.45 5.26
CH3 ACT D . -8.85 -2.82 6.32
#